data_2O5V
#
_entry.id   2O5V
#
_cell.length_a   47.897
_cell.length_b   87.419
_cell.length_c   52.898
_cell.angle_alpha   90.00
_cell.angle_beta   115.00
_cell.angle_gamma   90.00
#
_symmetry.space_group_name_H-M   'P 1 21 1'
#
loop_
_entity.id
_entity.type
_entity.pdbx_description
1 polymer 'DNA replication and repair protein recF'
2 non-polymer 'SULFATE ION'
3 water water
#
_entity_poly.entity_id   1
_entity_poly.type   'polypeptide(L)'
_entity_poly.pdbx_seq_one_letter_code
;MGDVRLSALSTLNYRNLAPGTLNFPEGVTGIYGENGAGKTNLLEAAYLALTGQTDAPRIEQLIQAGETEAYVRADLQQGG
SLSIQEVGLGRGRRQLKVDGVRARTGDLPRGGAVWIRPEDSELVFGPPSGRRAYLDSLLSRLSARYGEQLSRYERTVSQR
NAALRGGEEWAMHVWDDVLLKLGTEIMLFRRRALTRLDELAREANAQLGSRKTLALTLTESTSPETYAADLRGRRAEELA
RGSTVTGPHRDDLLLTLGDFPASDYASRGEGRTVALALRRAELELLREKFGEDPVLLLDDFTAELDPHRRQYLLDLAASV
PQAIVTGTELAPGAALTLRAQAGRFTPVADEEMQAEGTA
;
_entity_poly.pdbx_strand_id   A
#
loop_
_chem_comp.id
_chem_comp.type
_chem_comp.name
_chem_comp.formula
SO4 non-polymer 'SULFATE ION' 'O4 S -2'
#
# COMPACT_ATOMS: atom_id res chain seq x y z
N GLY A 2 -11.13 5.51 -21.27
CA GLY A 2 -11.79 4.35 -20.60
C GLY A 2 -10.94 3.79 -19.48
N ASP A 3 -9.63 3.92 -19.63
CA ASP A 3 -8.71 3.65 -18.52
C ASP A 3 -9.18 4.52 -17.37
N VAL A 4 -8.89 4.16 -16.13
CA VAL A 4 -9.11 5.10 -15.03
C VAL A 4 -7.97 6.12 -15.03
N ARG A 5 -8.26 7.33 -14.56
CA ARG A 5 -7.25 8.37 -14.36
C ARG A 5 -7.58 9.25 -13.17
N LEU A 6 -6.56 9.55 -12.38
CA LEU A 6 -6.63 10.64 -11.42
C LEU A 6 -6.44 11.96 -12.19
N SER A 7 -7.54 12.66 -12.45
CA SER A 7 -7.44 13.90 -13.22
C SER A 7 -7.06 15.10 -12.40
N ALA A 8 -7.38 15.10 -11.12
CA ALA A 8 -6.98 16.21 -10.26
C ALA A 8 -6.89 15.74 -8.82
N LEU A 9 -5.98 16.37 -8.09
CA LEU A 9 -5.82 16.15 -6.66
C LEU A 9 -5.71 17.53 -6.01
N SER A 10 -6.53 17.77 -5.00
CA SER A 10 -6.41 18.96 -4.19
C SER A 10 -6.30 18.60 -2.71
N THR A 11 -5.56 19.41 -1.98
CA THR A 11 -5.42 19.22 -0.54
C THR A 11 -5.55 20.57 0.14
N LEU A 12 -5.95 20.52 1.41
CA LEU A 12 -6.00 21.68 2.26
C LEU A 12 -5.59 21.21 3.66
N ASN A 13 -4.63 21.93 4.24
CA ASN A 13 -4.16 21.58 5.59
C ASN A 13 -3.50 20.21 5.73
N TYR A 14 -2.99 19.68 4.63
CA TYR A 14 -2.40 18.36 4.63
C TYR A 14 -0.90 18.55 4.87
N ARG A 15 -0.35 17.74 5.77
CA ARG A 15 1.04 17.91 6.21
C ARG A 15 2.03 17.98 5.05
N ASN A 16 2.85 19.02 5.07
CA ASN A 16 3.95 19.28 4.13
C ASN A 16 3.46 19.64 2.72
N LEU A 17 2.16 19.87 2.57
CA LEU A 17 1.64 20.37 1.30
C LEU A 17 1.00 21.75 1.39
N ALA A 18 1.43 22.62 0.48
CA ALA A 18 0.76 23.91 0.30
C ALA A 18 -0.64 23.67 -0.21
N PRO A 19 -1.64 24.41 0.27
CA PRO A 19 -2.99 24.10 -0.18
C PRO A 19 -3.13 24.45 -1.65
N GLY A 20 -3.90 23.65 -2.34
CA GLY A 20 -4.22 23.91 -3.74
C GLY A 20 -4.58 22.65 -4.49
N THR A 21 -4.64 22.80 -5.82
CA THR A 21 -5.06 21.73 -6.70
C THR A 21 -4.03 21.52 -7.79
N LEU A 22 -4.07 20.33 -8.38
CA LEU A 22 -3.20 19.99 -9.50
C LEU A 22 -4.02 19.11 -10.44
N ASN A 23 -3.90 19.41 -11.72
CA ASN A 23 -4.49 18.65 -12.80
C ASN A 23 -3.46 17.84 -13.57
N PHE A 24 -3.71 16.55 -13.69
CA PHE A 24 -2.77 15.58 -14.25
C PHE A 24 -3.29 15.02 -15.56
N PRO A 25 -2.44 14.94 -16.59
CA PRO A 25 -2.83 14.36 -17.87
C PRO A 25 -2.78 12.84 -17.85
N GLU A 26 -3.26 12.22 -18.93
CA GLU A 26 -3.00 10.81 -19.17
C GLU A 26 -1.49 10.65 -19.20
N GLY A 27 -1.01 9.48 -18.82
CA GLY A 27 0.43 9.19 -18.83
C GLY A 27 1.18 9.60 -17.57
N VAL A 28 2.44 9.98 -17.75
CA VAL A 28 3.31 10.17 -16.61
C VAL A 28 3.36 11.65 -16.23
N THR A 29 3.09 11.97 -14.98
CA THR A 29 3.48 13.27 -14.44
C THR A 29 4.75 13.08 -13.60
N GLY A 30 5.84 13.71 -14.01
CA GLY A 30 7.09 13.70 -13.24
C GLY A 30 7.19 14.94 -12.36
N ILE A 31 7.65 14.74 -11.13
CA ILE A 31 7.79 15.82 -10.16
C ILE A 31 9.20 15.74 -9.62
N TYR A 32 9.95 16.84 -9.71
CA TYR A 32 11.30 16.84 -9.15
C TYR A 32 11.49 17.98 -8.14
N GLY A 33 12.46 17.82 -7.26
CA GLY A 33 12.74 18.82 -6.25
C GLY A 33 13.70 18.26 -5.21
N GLU A 34 14.19 19.15 -4.37
CA GLU A 34 15.10 18.80 -3.29
C GLU A 34 14.43 17.86 -2.29
N ASN A 35 15.25 17.05 -1.62
CA ASN A 35 14.80 16.28 -0.48
C ASN A 35 14.10 17.27 0.45
N GLY A 36 12.95 16.90 1.01
CA GLY A 36 12.20 17.80 1.87
C GLY A 36 11.16 18.72 1.29
N ALA A 37 10.99 18.72 -0.04
CA ALA A 37 10.03 19.59 -0.72
C ALA A 37 8.58 19.12 -0.70
N GLY A 38 8.32 17.95 -0.13
CA GLY A 38 6.94 17.45 0.00
C GLY A 38 6.49 16.51 -1.10
N LYS A 39 7.41 16.03 -1.93
CA LYS A 39 7.03 15.15 -3.02
C LYS A 39 6.37 13.88 -2.49
N THR A 40 6.97 13.25 -1.48
CA THR A 40 6.41 12.01 -0.96
C THR A 40 5.00 12.20 -0.35
N ASN A 41 4.76 13.36 0.24
CA ASN A 41 3.47 13.71 0.81
C ASN A 41 2.37 13.91 -0.22
N LEU A 42 2.74 14.40 -1.41
CA LEU A 42 1.76 14.43 -2.50
C LEU A 42 1.32 13.02 -2.88
N LEU A 43 2.26 12.09 -3.03
CA LEU A 43 1.96 10.71 -3.32
C LEU A 43 1.12 10.08 -2.21
N GLU A 44 1.49 10.35 -0.97
CA GLU A 44 0.75 9.86 0.19
C GLU A 44 -0.70 10.31 0.17
N ALA A 45 -0.91 11.58 -0.12
CA ALA A 45 -2.25 12.18 -0.22
C ALA A 45 -3.04 11.54 -1.37
N ALA A 46 -2.37 11.33 -2.51
CA ALA A 46 -3.00 10.65 -3.64
C ALA A 46 -3.41 9.25 -3.25
N TYR A 47 -2.50 8.53 -2.59
CA TYR A 47 -2.79 7.15 -2.20
C TYR A 47 -3.98 7.09 -1.23
N LEU A 48 -4.01 8.05 -0.30
CA LEU A 48 -5.10 8.15 0.66
C LEU A 48 -6.46 8.40 -0.02
N ALA A 49 -6.49 9.34 -0.97
CA ALA A 49 -7.74 9.65 -1.69
C ALA A 49 -8.17 8.47 -2.55
N LEU A 50 -7.19 7.74 -3.07
CA LEU A 50 -7.50 6.66 -3.99
C LEU A 50 -7.86 5.35 -3.31
N THR A 51 -7.39 5.13 -2.08
CA THR A 51 -7.54 3.83 -1.44
C THR A 51 -8.11 3.94 -0.01
N GLY A 52 -8.13 5.12 0.59
CA GLY A 52 -8.52 5.27 2.00
C GLY A 52 -7.48 4.81 3.01
N GLN A 53 -6.29 4.44 2.53
CA GLN A 53 -5.19 3.93 3.38
C GLN A 53 -4.11 4.96 3.65
N THR A 54 -3.42 4.79 4.78
CA THR A 54 -2.31 5.65 5.15
C THR A 54 -1.24 4.88 5.92
N ASP A 55 0.02 5.25 5.67
CA ASP A 55 1.20 4.77 6.40
C ASP A 55 1.32 5.39 7.78
N ALA A 56 0.69 6.55 7.99
CA ALA A 56 0.77 7.25 9.28
C ALA A 56 0.27 6.38 10.42
N PRO A 57 1.07 6.21 11.49
CA PRO A 57 0.56 5.60 12.71
C PRO A 57 -0.50 6.44 13.45
N ARG A 58 -0.50 7.75 13.24
CA ARG A 58 -1.45 8.64 13.90
C ARG A 58 -2.01 9.57 12.83
N ILE A 59 -3.32 9.68 12.75
CA ILE A 59 -3.94 10.54 11.74
C ILE A 59 -3.54 11.99 11.94
N GLU A 60 -3.26 12.40 13.17
CA GLU A 60 -2.94 13.81 13.39
C GLU A 60 -1.63 14.18 12.69
N GLN A 61 -0.81 13.16 12.43
CA GLN A 61 0.47 13.34 11.76
C GLN A 61 0.27 13.90 10.35
N LEU A 62 -0.91 13.66 9.78
CA LEU A 62 -1.28 14.08 8.40
C LEU A 62 -1.80 15.50 8.30
N ILE A 63 -2.06 16.12 9.44
CA ILE A 63 -2.68 17.44 9.53
C ILE A 63 -1.61 18.49 9.86
N GLN A 64 -1.62 19.59 9.10
CA GLN A 64 -0.68 20.71 9.21
C GLN A 64 -0.69 21.17 10.66
N ALA A 65 0.49 21.55 11.15
CA ALA A 65 0.66 22.10 12.50
C ALA A 65 -0.25 23.31 12.62
N GLY A 66 -0.96 23.41 13.75
CA GLY A 66 -1.85 24.53 13.98
C GLY A 66 -3.27 24.37 13.43
N GLU A 67 -3.46 23.35 12.60
CA GLU A 67 -4.77 23.03 12.06
C GLU A 67 -5.34 21.83 12.81
N THR A 68 -6.66 21.69 12.74
CA THR A 68 -7.36 20.59 13.41
C THR A 68 -8.06 19.66 12.42
N GLU A 69 -8.14 20.07 11.15
CA GLU A 69 -8.66 19.18 10.14
C GLU A 69 -8.00 19.39 8.81
N ALA A 70 -8.04 18.35 7.99
CA ALA A 70 -7.45 18.39 6.66
C ALA A 70 -8.39 17.75 5.67
N TYR A 71 -8.13 18.03 4.40
CA TYR A 71 -9.04 17.65 3.32
C TYR A 71 -8.24 17.23 2.11
N VAL A 72 -8.59 16.11 1.49
CA VAL A 72 -7.99 15.72 0.23
C VAL A 72 -9.13 15.37 -0.72
N ARG A 73 -9.02 15.81 -1.96
CA ARG A 73 -10.03 15.48 -2.99
C ARG A 73 -9.38 14.93 -4.25
N ALA A 74 -9.81 13.75 -4.69
CA ALA A 74 -9.38 13.18 -5.96
C ALA A 74 -10.54 13.24 -6.96
N ASP A 75 -10.26 13.79 -8.13
CA ASP A 75 -11.15 13.71 -9.29
C ASP A 75 -10.67 12.57 -10.18
N LEU A 76 -11.58 11.67 -10.52
CA LEU A 76 -11.26 10.52 -11.35
C LEU A 76 -12.11 10.57 -12.61
N GLN A 77 -11.49 10.24 -13.74
CA GLN A 77 -12.16 10.26 -15.03
C GLN A 77 -11.92 8.87 -15.62
N GLN A 78 -12.97 8.06 -15.69
CA GLN A 78 -12.96 6.77 -16.39
C GLN A 78 -13.90 6.90 -17.59
N GLY A 79 -13.35 7.17 -18.76
CA GLY A 79 -14.17 7.45 -19.94
C GLY A 79 -14.72 8.86 -19.87
N GLY A 80 -16.03 9.00 -20.05
CA GLY A 80 -16.68 10.30 -19.89
C GLY A 80 -17.26 10.47 -18.51
N SER A 81 -17.08 9.44 -17.67
CA SER A 81 -17.62 9.40 -16.32
C SER A 81 -16.65 10.08 -15.36
N LEU A 82 -17.11 11.08 -14.63
CA LEU A 82 -16.30 11.71 -13.58
C LEU A 82 -16.77 11.16 -12.24
N SER A 83 -15.82 10.92 -11.36
CA SER A 83 -16.10 10.51 -9.98
C SER A 83 -15.25 11.37 -9.06
N ILE A 84 -15.70 11.56 -7.83
CA ILE A 84 -15.02 12.43 -6.88
C ILE A 84 -14.84 11.62 -5.61
N GLN A 85 -13.60 11.50 -5.13
CA GLN A 85 -13.32 10.78 -3.91
C GLN A 85 -12.73 11.79 -2.93
N GLU A 86 -13.32 11.92 -1.75
CA GLU A 86 -12.87 12.88 -0.76
C GLU A 86 -12.56 12.22 0.57
N VAL A 87 -11.52 12.74 1.22
CA VAL A 87 -11.14 12.30 2.56
C VAL A 87 -11.03 13.49 3.48
N GLY A 88 -11.74 13.40 4.60
CA GLY A 88 -11.66 14.41 5.65
C GLY A 88 -10.88 13.79 6.79
N LEU A 89 -9.92 14.53 7.34
CA LEU A 89 -9.10 14.04 8.42
C LEU A 89 -9.24 14.93 9.65
N GLY A 90 -9.32 14.28 10.81
CA GLY A 90 -9.32 15.02 12.06
C GLY A 90 -9.82 14.15 13.17
N ARG A 91 -9.38 14.45 14.39
CA ARG A 91 -9.85 13.73 15.56
C ARG A 91 -9.68 12.21 15.45
N GLY A 92 -8.55 11.76 14.91
CA GLY A 92 -8.28 10.32 14.78
C GLY A 92 -9.08 9.63 13.69
N ARG A 93 -9.77 10.40 12.87
CA ARG A 93 -10.80 9.86 11.99
C ARG A 93 -10.51 10.18 10.53
N ARG A 94 -10.80 9.23 9.64
CA ARG A 94 -10.61 9.38 8.20
C ARG A 94 -11.99 9.17 7.61
N GLN A 95 -12.64 10.23 7.15
CA GLN A 95 -13.97 10.14 6.58
C GLN A 95 -13.92 10.19 5.07
N LEU A 96 -14.51 9.18 4.43
CA LEU A 96 -14.52 9.09 2.96
C LEU A 96 -15.87 9.50 2.41
N LYS A 97 -15.83 10.07 1.22
CA LYS A 97 -17.05 10.29 0.46
C LYS A 97 -16.74 9.95 -0.99
N VAL A 98 -17.72 9.37 -1.65
CA VAL A 98 -17.59 9.01 -3.06
C VAL A 98 -18.77 9.65 -3.73
N ASP A 99 -18.47 10.46 -4.75
CA ASP A 99 -19.52 11.18 -5.46
C ASP A 99 -20.50 11.89 -4.51
N GLY A 100 -19.97 12.49 -3.45
CA GLY A 100 -20.76 13.36 -2.59
C GLY A 100 -21.48 12.69 -1.44
N VAL A 101 -21.46 11.36 -1.44
CA VAL A 101 -22.19 10.63 -0.44
C VAL A 101 -21.20 9.97 0.49
N ARG A 102 -21.50 10.10 1.77
CA ARG A 102 -20.71 9.41 2.76
C ARG A 102 -20.55 7.99 2.27
N ALA A 103 -19.32 7.50 2.39
CA ALA A 103 -18.99 6.21 1.83
C ALA A 103 -18.16 5.44 2.82
N ARG A 104 -18.24 4.12 2.71
CA ARG A 104 -17.21 3.23 3.25
C ARG A 104 -16.10 3.00 2.23
N THR A 105 -14.99 2.48 2.72
CA THR A 105 -13.86 2.06 1.88
C THR A 105 -14.34 1.21 0.71
N GLY A 106 -15.37 0.40 0.97
CA GLY A 106 -15.92 -0.52 -0.02
C GLY A 106 -16.48 0.12 -1.28
N ASP A 107 -16.91 1.38 -1.17
CA ASP A 107 -17.43 2.13 -2.32
C ASP A 107 -16.35 2.75 -3.19
N LEU A 108 -15.10 2.68 -2.71
CA LEU A 108 -13.94 3.03 -3.51
C LEU A 108 -13.71 1.87 -4.50
N PRO A 109 -13.49 2.18 -5.79
CA PRO A 109 -13.37 1.24 -6.91
C PRO A 109 -12.04 0.51 -7.18
N ARG A 110 -11.45 0.71 -8.37
CA ARG A 110 -10.63 -0.30 -9.05
C ARG A 110 -9.25 -0.64 -8.54
N GLY A 111 -9.17 -1.06 -7.28
CA GLY A 111 -7.86 -1.21 -6.64
C GLY A 111 -7.15 0.07 -7.03
N GLY A 112 -7.38 1.12 -6.23
CA GLY A 112 -7.13 2.50 -6.60
C GLY A 112 -5.71 2.85 -7.00
N ALA A 113 -4.71 2.36 -6.27
CA ALA A 113 -3.35 2.79 -6.51
C ALA A 113 -2.36 1.75 -5.98
N VAL A 114 -1.15 1.79 -6.54
CA VAL A 114 -0.01 1.11 -5.94
C VAL A 114 1.07 2.15 -5.73
N TRP A 115 1.66 2.12 -4.53
CA TRP A 115 2.67 3.08 -4.11
C TRP A 115 3.98 2.34 -3.84
N ILE A 116 4.93 2.52 -4.76
CA ILE A 116 6.26 1.94 -4.66
C ILE A 116 7.13 2.91 -3.89
N ARG A 117 7.75 2.45 -2.80
CA ARG A 117 8.35 3.32 -1.77
C ARG A 117 9.84 3.02 -1.56
N PRO A 118 10.64 4.07 -1.31
CA PRO A 118 12.09 3.86 -1.26
C PRO A 118 12.56 3.02 -0.08
N GLU A 119 11.70 2.85 0.91
CA GLU A 119 12.01 2.00 2.07
C GLU A 119 11.56 0.55 1.86
N ASP A 120 11.15 0.17 0.65
CA ASP A 120 10.52 -1.13 0.44
C ASP A 120 11.45 -2.32 0.71
N SER A 121 12.76 -2.14 0.72
CA SER A 121 13.65 -3.27 1.10
C SER A 121 13.37 -3.78 2.51
N GLU A 122 12.77 -2.95 3.36
CA GLU A 122 12.39 -3.39 4.71
C GLU A 122 11.37 -4.54 4.67
N LEU A 123 10.65 -4.64 3.57
CA LEU A 123 9.76 -5.78 3.35
C LEU A 123 10.58 -7.07 3.40
N VAL A 124 11.81 -7.01 2.90
CA VAL A 124 12.70 -8.16 2.88
C VAL A 124 13.45 -8.37 4.19
N PHE A 125 14.09 -7.28 4.65
CA PHE A 125 15.02 -7.37 5.76
C PHE A 125 14.44 -7.03 7.12
N GLY A 126 13.25 -6.43 7.13
CA GLY A 126 12.59 -5.99 8.35
C GLY A 126 11.71 -7.05 8.98
N PRO A 127 10.92 -6.63 9.98
CA PRO A 127 10.18 -7.57 10.79
C PRO A 127 8.90 -8.09 10.11
N PRO A 128 8.37 -9.20 10.65
CA PRO A 128 7.13 -9.79 10.15
C PRO A 128 5.98 -8.78 10.04
N SER A 129 5.89 -7.84 10.98
CA SER A 129 4.80 -6.86 10.95
C SER A 129 4.71 -6.08 9.64
N GLY A 130 5.85 -5.79 9.02
CA GLY A 130 5.87 -5.08 7.75
C GLY A 130 5.34 -5.88 6.56
N ARG A 131 5.55 -7.19 6.62
CA ARG A 131 5.07 -8.10 5.59
C ARG A 131 3.60 -8.41 5.82
N ARG A 132 3.16 -8.54 7.07
CA ARG A 132 1.71 -8.53 7.32
C ARG A 132 1.04 -7.24 6.82
N ALA A 133 1.69 -6.10 7.01
CA ALA A 133 1.08 -4.85 6.55
C ALA A 133 0.99 -4.82 5.02
N TYR A 134 2.02 -5.30 4.32
CA TYR A 134 2.00 -5.43 2.87
C TYR A 134 0.80 -6.27 2.41
N LEU A 135 0.62 -7.42 3.05
CA LEU A 135 -0.41 -8.34 2.62
C LEU A 135 -1.80 -7.81 2.97
N ASP A 136 -1.95 -7.29 4.17
CA ASP A 136 -3.21 -6.77 4.66
C ASP A 136 -3.65 -5.59 3.79
N SER A 137 -2.70 -4.76 3.40
CA SER A 137 -3.03 -3.56 2.65
C SER A 137 -3.56 -3.99 1.29
N LEU A 138 -2.89 -4.94 0.67
CA LEU A 138 -3.25 -5.41 -0.66
C LEU A 138 -4.59 -6.10 -0.62
N LEU A 139 -4.77 -7.00 0.35
CA LEU A 139 -6.01 -7.76 0.44
C LEU A 139 -7.17 -6.85 0.78
N SER A 140 -6.96 -5.77 1.54
CA SER A 140 -8.02 -4.82 1.85
C SER A 140 -8.44 -4.02 0.62
N ARG A 141 -7.48 -3.77 -0.26
CA ARG A 141 -7.79 -3.15 -1.54
C ARG A 141 -8.52 -4.08 -2.46
N LEU A 142 -8.20 -5.38 -2.41
CA LEU A 142 -8.88 -6.37 -3.23
C LEU A 142 -10.31 -6.65 -2.77
N SER A 143 -10.51 -6.58 -1.47
CA SER A 143 -11.77 -6.96 -0.87
C SER A 143 -12.10 -6.12 0.35
N ALA A 144 -13.23 -5.41 0.26
CA ALA A 144 -13.80 -4.62 1.35
C ALA A 144 -14.06 -5.50 2.55
N ARG A 145 -14.61 -6.68 2.27
CA ARG A 145 -14.94 -7.66 3.32
C ARG A 145 -13.69 -7.97 4.15
N TYR A 146 -12.59 -8.20 3.47
CA TYR A 146 -11.34 -8.52 4.17
C TYR A 146 -10.91 -7.38 5.09
N GLY A 147 -11.02 -6.15 4.60
CA GLY A 147 -10.63 -5.00 5.40
C GLY A 147 -11.46 -4.89 6.67
N GLU A 148 -12.77 -5.11 6.53
CA GLU A 148 -13.67 -5.07 7.69
C GLU A 148 -13.37 -6.20 8.69
N GLN A 149 -13.25 -7.43 8.17
CA GLN A 149 -12.91 -8.57 9.00
C GLN A 149 -11.61 -8.33 9.77
N LEU A 150 -10.60 -7.85 9.06
CA LEU A 150 -9.31 -7.59 9.70
C LEU A 150 -9.45 -6.57 10.83
N SER A 151 -10.18 -5.50 10.57
CA SER A 151 -10.36 -4.45 11.56
C SER A 151 -11.07 -4.97 12.81
N ARG A 152 -12.14 -5.72 12.62
CA ARG A 152 -12.85 -6.30 13.76
C ARG A 152 -11.98 -7.32 14.49
N TYR A 153 -11.24 -8.13 13.74
CA TYR A 153 -10.33 -9.14 14.28
C TYR A 153 -9.29 -8.48 15.18
N GLU A 154 -8.71 -7.39 14.70
CA GLU A 154 -7.64 -6.71 15.45
C GLU A 154 -8.17 -6.22 16.80
N ARG A 155 -9.34 -5.62 16.77
CA ARG A 155 -9.92 -5.10 18.00
C ARG A 155 -10.30 -6.21 18.96
N THR A 156 -10.71 -7.35 18.43
CA THR A 156 -11.13 -8.48 19.28
C THR A 156 -9.91 -9.14 19.91
N VAL A 157 -8.84 -9.34 19.14
CA VAL A 157 -7.59 -9.82 19.73
C VAL A 157 -7.11 -8.87 20.82
N SER A 158 -7.25 -7.58 20.59
CA SER A 158 -6.85 -6.62 21.60
C SER A 158 -7.57 -6.82 22.92
N GLN A 159 -8.87 -7.11 22.85
CA GLN A 159 -9.65 -7.36 24.07
C GLN A 159 -9.17 -8.63 24.76
N ARG A 160 -8.93 -9.68 23.97
CA ARG A 160 -8.44 -10.94 24.52
C ARG A 160 -7.10 -10.76 25.22
N ASN A 161 -6.17 -10.04 24.58
CA ASN A 161 -4.84 -9.81 25.13
C ASN A 161 -4.93 -8.99 26.42
N ALA A 162 -5.86 -8.03 26.45
CA ALA A 162 -6.05 -7.21 27.66
C ALA A 162 -6.59 -8.07 28.79
N ALA A 163 -7.48 -9.01 28.46
CA ALA A 163 -8.02 -9.96 29.45
C ALA A 163 -6.91 -10.79 30.06
N LEU A 164 -5.99 -11.26 29.23
CA LEU A 164 -4.79 -11.97 29.70
C LEU A 164 -3.91 -11.08 30.57
N ARG A 165 -3.60 -9.88 30.10
CA ARG A 165 -2.60 -9.04 30.76
C ARG A 165 -3.17 -8.49 32.07
N GLY A 166 -4.48 -8.29 32.15
CA GLY A 166 -5.09 -7.71 33.34
C GLY A 166 -5.39 -8.75 34.39
N GLY A 167 -5.02 -10.00 34.14
CA GLY A 167 -5.25 -11.07 35.11
C GLY A 167 -6.72 -11.42 35.21
N GLU A 168 -7.44 -11.27 34.09
CA GLU A 168 -8.83 -11.69 33.98
C GLU A 168 -8.93 -12.91 33.06
N GLU A 169 -8.04 -13.87 33.27
CA GLU A 169 -7.94 -15.03 32.40
C GLU A 169 -9.17 -15.93 32.40
N TRP A 170 -9.95 -15.94 33.48
CA TRP A 170 -11.29 -16.56 33.46
C TRP A 170 -12.22 -16.04 32.35
N ALA A 171 -11.97 -14.82 31.89
CA ALA A 171 -12.87 -14.12 30.96
C ALA A 171 -12.26 -14.11 29.55
N MET A 172 -11.12 -14.77 29.40
CA MET A 172 -10.28 -14.61 28.20
C MET A 172 -10.86 -15.20 26.93
N HIS A 173 -11.82 -16.11 27.06
CA HIS A 173 -12.29 -16.91 25.94
C HIS A 173 -13.62 -16.41 25.35
N VAL A 174 -14.14 -15.34 25.93
CA VAL A 174 -15.48 -14.84 25.61
C VAL A 174 -15.66 -14.56 24.11
N TRP A 175 -14.58 -14.21 23.41
CA TRP A 175 -14.67 -13.84 21.99
C TRP A 175 -14.06 -14.88 21.06
N ASP A 176 -13.79 -16.08 21.57
CA ASP A 176 -13.11 -17.09 20.76
C ASP A 176 -13.87 -17.63 19.56
N ASP A 177 -15.19 -17.61 19.64
CA ASP A 177 -16.04 -17.94 18.50
C ASP A 177 -15.82 -16.95 17.35
N VAL A 178 -15.80 -15.67 17.71
CA VAL A 178 -15.57 -14.57 16.77
C VAL A 178 -14.19 -14.67 16.15
N LEU A 179 -13.17 -14.87 16.98
CA LEU A 179 -11.80 -15.00 16.48
C LEU A 179 -11.65 -16.21 15.55
N LEU A 180 -12.22 -17.36 15.90
CA LEU A 180 -12.28 -18.50 14.99
C LEU A 180 -12.81 -18.12 13.61
N LYS A 181 -13.99 -17.51 13.62
CA LYS A 181 -14.64 -17.18 12.35
C LYS A 181 -13.84 -16.19 11.53
N LEU A 182 -13.49 -15.07 12.15
CA LEU A 182 -12.77 -14.01 11.44
C LEU A 182 -11.34 -14.42 11.08
N GLY A 183 -10.65 -15.04 12.03
CA GLY A 183 -9.29 -15.54 11.79
C GLY A 183 -9.25 -16.55 10.63
N THR A 184 -10.22 -17.46 10.59
CA THR A 184 -10.28 -18.42 9.49
C THR A 184 -10.49 -17.72 8.16
N GLU A 185 -11.44 -16.78 8.10
CA GLU A 185 -11.68 -16.08 6.84
C GLU A 185 -10.45 -15.32 6.36
N ILE A 186 -9.77 -14.66 7.29
CA ILE A 186 -8.55 -13.93 6.94
C ILE A 186 -7.46 -14.88 6.43
N MET A 187 -7.32 -16.01 7.10
CA MET A 187 -6.30 -16.98 6.70
C MET A 187 -6.60 -17.50 5.30
N LEU A 188 -7.88 -17.72 5.03
CA LEU A 188 -8.24 -18.30 3.74
C LEU A 188 -8.05 -17.27 2.65
N PHE A 189 -8.44 -16.01 2.86
CA PHE A 189 -8.21 -14.97 1.85
C PHE A 189 -6.72 -14.88 1.52
N ARG A 190 -5.88 -14.99 2.55
CA ARG A 190 -4.45 -14.90 2.34
C ARG A 190 -3.94 -16.07 1.50
N ARG A 191 -4.42 -17.27 1.81
CA ARG A 191 -4.01 -18.47 1.06
C ARG A 191 -4.42 -18.35 -0.41
N ARG A 192 -5.62 -17.84 -0.66
CA ARG A 192 -6.11 -17.63 -2.02
C ARG A 192 -5.21 -16.71 -2.81
N ALA A 193 -4.88 -15.57 -2.21
CA ALA A 193 -4.05 -14.59 -2.89
C ALA A 193 -2.61 -15.09 -3.07
N LEU A 194 -2.13 -15.88 -2.12
CA LEU A 194 -0.75 -16.37 -2.13
C LEU A 194 -0.43 -17.10 -3.45
N THR A 195 -1.36 -17.93 -3.94
CA THR A 195 -1.09 -18.65 -5.15
C THR A 195 -0.67 -17.72 -6.28
N ARG A 196 -1.45 -16.66 -6.49
CA ARG A 196 -1.13 -15.75 -7.57
C ARG A 196 0.05 -14.84 -7.23
N LEU A 197 0.11 -14.33 -6.01
CA LEU A 197 1.25 -13.49 -5.63
C LEU A 197 2.60 -14.18 -5.75
N ASP A 198 2.66 -15.45 -5.35
CA ASP A 198 3.86 -16.25 -5.55
C ASP A 198 4.26 -16.27 -7.03
N GLU A 199 3.31 -16.56 -7.91
CA GLU A 199 3.58 -16.67 -9.34
C GLU A 199 4.03 -15.35 -9.91
N LEU A 200 3.32 -14.29 -9.53
CA LEU A 200 3.61 -12.94 -10.03
C LEU A 200 4.96 -12.39 -9.55
N ALA A 201 5.28 -12.59 -8.27
CA ALA A 201 6.56 -12.13 -7.74
C ALA A 201 7.70 -12.94 -8.34
N ARG A 202 7.52 -14.24 -8.52
CA ARG A 202 8.55 -15.09 -9.13
C ARG A 202 8.91 -14.56 -10.52
N GLU A 203 7.87 -14.24 -11.29
CA GLU A 203 8.08 -13.77 -12.67
C GLU A 203 8.75 -12.38 -12.68
N ALA A 204 8.32 -11.50 -11.78
CA ALA A 204 8.88 -10.15 -11.74
C ALA A 204 10.34 -10.17 -11.32
N ASN A 205 10.68 -11.07 -10.40
CA ASN A 205 12.05 -11.22 -9.94
C ASN A 205 12.94 -11.70 -11.09
N ALA A 206 12.42 -12.64 -11.87
CA ALA A 206 13.15 -13.15 -13.02
C ALA A 206 13.33 -12.06 -14.07
N GLN A 207 12.27 -11.30 -14.33
CA GLN A 207 12.29 -10.27 -15.36
C GLN A 207 13.23 -9.16 -14.96
N LEU A 208 13.38 -8.96 -13.65
CA LEU A 208 14.35 -8.00 -13.12
C LEU A 208 15.78 -8.51 -13.17
N GLY A 209 16.01 -9.71 -13.70
CA GLY A 209 17.37 -10.20 -13.92
C GLY A 209 17.94 -11.15 -12.88
N SER A 210 17.15 -11.50 -11.87
CA SER A 210 17.61 -12.49 -10.92
C SER A 210 17.62 -13.86 -11.58
N ARG A 211 18.68 -14.62 -11.33
CA ARG A 211 18.72 -16.01 -11.79
C ARG A 211 18.42 -16.99 -10.65
N LYS A 212 17.97 -16.46 -9.51
CA LYS A 212 17.51 -17.30 -8.41
C LYS A 212 15.99 -17.22 -8.33
N THR A 213 15.36 -18.30 -7.90
CA THR A 213 13.91 -18.38 -7.85
C THR A 213 13.41 -17.72 -6.57
N LEU A 214 12.54 -16.73 -6.72
CA LEU A 214 11.85 -16.12 -5.57
C LEU A 214 10.54 -16.88 -5.36
N ALA A 215 10.30 -17.28 -4.11
CA ALA A 215 9.07 -17.97 -3.74
C ALA A 215 8.47 -17.35 -2.48
N LEU A 216 7.15 -17.20 -2.49
CA LEU A 216 6.40 -16.71 -1.34
C LEU A 216 5.59 -17.84 -0.74
N THR A 217 5.70 -18.04 0.57
CA THR A 217 4.84 -18.96 1.26
C THR A 217 4.36 -18.28 2.55
N LEU A 218 3.41 -18.92 3.23
CA LEU A 218 2.86 -18.33 4.46
C LEU A 218 3.32 -19.19 5.63
N THR A 219 3.83 -18.54 6.67
CA THR A 219 4.23 -19.17 7.91
C THR A 219 3.03 -18.98 8.85
N GLU A 220 2.34 -20.07 9.15
CA GLU A 220 1.04 -19.99 9.83
C GLU A 220 1.04 -20.63 11.23
N SER A 221 0.37 -19.96 12.16
CA SER A 221 0.33 -20.36 13.57
C SER A 221 -0.59 -21.57 13.78
N THR A 222 -1.47 -21.79 12.81
CA THR A 222 -2.51 -22.79 12.91
C THR A 222 -3.02 -23.10 11.51
N SER A 223 -4.06 -23.92 11.39
CA SER A 223 -4.77 -24.15 10.13
C SER A 223 -6.28 -23.96 10.36
N PRO A 224 -7.05 -23.73 9.28
CA PRO A 224 -8.48 -23.62 9.47
C PRO A 224 -9.07 -24.83 10.18
N GLU A 225 -8.53 -26.00 9.86
CA GLU A 225 -9.05 -27.27 10.38
C GLU A 225 -8.75 -27.48 11.87
N THR A 226 -7.63 -26.95 12.35
CA THR A 226 -7.26 -27.04 13.77
C THR A 226 -7.33 -25.73 14.56
N TYR A 227 -7.90 -24.69 13.96
CA TYR A 227 -7.87 -23.36 14.59
C TYR A 227 -8.55 -23.40 15.95
N ALA A 228 -9.77 -23.94 16.01
CA ALA A 228 -10.53 -23.95 17.26
C ALA A 228 -9.78 -24.74 18.34
N ALA A 229 -9.28 -25.91 17.96
CA ALA A 229 -8.53 -26.76 18.90
C ALA A 229 -7.24 -26.11 19.39
N ASP A 230 -6.53 -25.50 18.45
CA ASP A 230 -5.26 -24.84 18.74
C ASP A 230 -5.53 -23.65 19.65
N LEU A 231 -6.59 -22.91 19.33
CA LEU A 231 -6.89 -21.69 20.04
C LEU A 231 -7.05 -21.99 21.51
N ARG A 232 -8.01 -22.87 21.83
CA ARG A 232 -8.23 -23.40 23.17
C ARG A 232 -7.08 -24.17 23.81
N GLY A 233 -6.38 -24.96 22.99
CA GLY A 233 -5.37 -25.90 23.48
C GLY A 233 -4.07 -25.29 23.95
N ARG A 234 -3.79 -24.05 23.57
CA ARG A 234 -2.56 -23.35 23.93
C ARG A 234 -2.76 -22.38 25.09
N ARG A 235 -3.82 -22.60 25.85
CA ARG A 235 -4.15 -21.76 27.01
C ARG A 235 -2.99 -21.63 27.97
N ALA A 236 -2.35 -22.73 28.34
CA ALA A 236 -1.31 -22.66 29.35
C ALA A 236 -0.17 -21.76 28.87
N GLU A 237 0.16 -21.86 27.59
CA GLU A 237 1.18 -21.02 27.00
C GLU A 237 0.72 -19.57 27.03
N GLU A 238 -0.54 -19.30 26.71
CA GLU A 238 -1.02 -17.92 26.66
C GLU A 238 -1.05 -17.30 28.05
N LEU A 239 -1.39 -18.11 29.06
CA LEU A 239 -1.32 -17.62 30.44
C LEU A 239 0.11 -17.27 30.85
N ALA A 240 1.08 -18.10 30.43
CA ALA A 240 2.49 -17.81 30.71
C ALA A 240 2.98 -16.53 30.05
N ARG A 241 2.56 -16.32 28.80
CA ARG A 241 3.02 -15.20 28.00
C ARG A 241 2.19 -13.92 28.14
N GLY A 242 0.94 -14.07 28.54
CA GLY A 242 0.04 -12.92 28.61
C GLY A 242 -0.34 -12.39 27.24
N SER A 243 -0.32 -13.27 26.23
CA SER A 243 -0.60 -12.91 24.84
C SER A 243 -1.22 -14.08 24.11
N THR A 244 -1.98 -13.77 23.07
CA THR A 244 -2.65 -14.75 22.23
C THR A 244 -1.63 -15.21 21.19
N VAL A 245 -1.47 -16.52 21.06
CA VAL A 245 -0.46 -17.08 20.18
C VAL A 245 -1.05 -17.79 18.96
N THR A 246 -2.36 -17.69 18.76
CA THR A 246 -3.00 -18.32 17.62
C THR A 246 -3.74 -17.29 16.80
N GLY A 247 -3.45 -17.25 15.51
CA GLY A 247 -4.23 -16.45 14.56
C GLY A 247 -3.33 -15.68 13.62
N PRO A 248 -3.95 -15.16 12.54
CA PRO A 248 -3.21 -14.46 11.48
C PRO A 248 -2.39 -13.24 11.86
N HIS A 249 -2.64 -12.66 13.02
CA HIS A 249 -1.79 -11.59 13.47
C HIS A 249 -0.39 -12.03 13.89
N ARG A 250 -0.17 -13.35 13.96
CA ARG A 250 1.09 -13.96 14.35
C ARG A 250 1.89 -14.50 13.17
N ASP A 251 1.29 -14.39 11.98
CA ASP A 251 1.81 -15.08 10.79
C ASP A 251 2.77 -14.23 9.98
N ASP A 252 3.39 -14.84 8.97
CA ASP A 252 4.36 -14.08 8.21
C ASP A 252 4.30 -14.55 6.77
N LEU A 253 4.75 -13.65 5.90
CA LEU A 253 4.97 -13.98 4.50
C LEU A 253 6.45 -14.29 4.37
N LEU A 254 6.78 -15.56 4.11
CA LEU A 254 8.14 -16.03 3.99
C LEU A 254 8.62 -15.84 2.56
N LEU A 255 9.76 -15.17 2.44
CA LEU A 255 10.37 -14.89 1.14
C LEU A 255 11.64 -15.73 1.04
N THR A 256 11.66 -16.63 0.07
CA THR A 256 12.77 -17.53 -0.11
C THR A 256 13.34 -17.19 -1.49
N LEU A 257 14.66 -17.03 -1.56
CA LEU A 257 15.33 -16.65 -2.81
C LEU A 257 16.42 -17.67 -3.02
N GLY A 258 16.29 -18.40 -4.13
CA GLY A 258 17.22 -19.49 -4.47
C GLY A 258 17.35 -20.45 -3.31
N ASP A 259 16.21 -20.85 -2.73
CA ASP A 259 16.19 -21.81 -1.63
C ASP A 259 16.69 -21.39 -0.23
N PHE A 260 17.17 -20.16 -0.06
CA PHE A 260 17.50 -19.64 1.27
C PHE A 260 16.56 -18.50 1.68
N PRO A 261 16.34 -18.33 2.99
CA PRO A 261 15.53 -17.18 3.46
C PRO A 261 16.16 -15.86 3.02
N ALA A 262 15.46 -15.08 2.19
CA ALA A 262 15.99 -13.80 1.72
C ALA A 262 16.42 -12.85 2.83
N SER A 263 15.68 -12.80 3.93
CA SER A 263 16.02 -11.89 5.03
C SER A 263 17.47 -12.07 5.47
N ASP A 264 17.97 -13.31 5.44
CA ASP A 264 19.30 -13.59 5.99
C ASP A 264 20.40 -13.74 4.94
N TYR A 265 20.04 -14.05 3.70
CA TYR A 265 21.06 -14.37 2.71
C TYR A 265 21.05 -13.49 1.46
N ALA A 266 19.99 -12.70 1.26
CA ALA A 266 19.94 -11.90 0.03
C ALA A 266 20.93 -10.74 0.16
N SER A 267 21.62 -10.46 -0.92
CA SER A 267 22.42 -9.23 -0.96
C SER A 267 21.50 -8.01 -0.94
N ARG A 268 22.10 -6.84 -0.75
CA ARG A 268 21.32 -5.61 -0.75
C ARG A 268 20.63 -5.40 -2.08
N GLY A 269 21.36 -5.64 -3.19
CA GLY A 269 20.78 -5.57 -4.53
C GLY A 269 19.65 -6.56 -4.75
N GLU A 270 19.88 -7.81 -4.37
CA GLU A 270 18.86 -8.85 -4.48
C GLU A 270 17.62 -8.44 -3.69
N GLY A 271 17.83 -7.85 -2.51
CA GLY A 271 16.74 -7.36 -1.65
C GLY A 271 15.91 -6.27 -2.31
N ARG A 272 16.59 -5.33 -2.96
CA ARG A 272 15.88 -4.32 -3.76
C ARG A 272 15.05 -4.94 -4.87
N THR A 273 15.61 -5.94 -5.55
CA THR A 273 14.86 -6.63 -6.60
C THR A 273 13.66 -7.39 -6.05
N VAL A 274 13.83 -8.05 -4.92
CA VAL A 274 12.70 -8.77 -4.33
C VAL A 274 11.58 -7.82 -3.93
N ALA A 275 11.95 -6.71 -3.32
CA ALA A 275 10.96 -5.73 -2.86
C ALA A 275 10.20 -5.14 -4.04
N LEU A 276 10.90 -4.83 -5.12
CA LEU A 276 10.23 -4.38 -6.33
C LEU A 276 9.32 -5.46 -6.93
N ALA A 277 9.80 -6.70 -6.95
CA ALA A 277 8.94 -7.82 -7.38
C ALA A 277 7.66 -7.88 -6.55
N LEU A 278 7.75 -7.64 -5.25
CA LEU A 278 6.53 -7.68 -4.43
C LEU A 278 5.55 -6.58 -4.85
N ARG A 279 6.08 -5.41 -5.19
CA ARG A 279 5.21 -4.32 -5.63
C ARG A 279 4.62 -4.59 -7.01
N ARG A 280 5.41 -5.18 -7.88
CA ARG A 280 4.92 -5.56 -9.21
C ARG A 280 3.83 -6.62 -9.09
N ALA A 281 4.01 -7.59 -8.19
CA ALA A 281 2.99 -8.61 -7.97
C ALA A 281 1.69 -8.02 -7.40
N GLU A 282 1.82 -7.06 -6.50
CA GLU A 282 0.69 -6.31 -5.96
C GLU A 282 -0.08 -5.58 -7.08
N LEU A 283 0.67 -4.89 -7.93
CA LEU A 283 0.06 -4.21 -9.07
C LEU A 283 -0.74 -5.16 -9.97
N GLU A 284 -0.13 -6.28 -10.32
CA GLU A 284 -0.71 -7.20 -11.29
C GLU A 284 -1.87 -7.95 -10.65
N LEU A 285 -1.78 -8.23 -9.37
CA LEU A 285 -2.91 -8.91 -8.71
C LEU A 285 -4.15 -8.00 -8.68
N LEU A 286 -3.96 -6.71 -8.39
CA LEU A 286 -5.06 -5.77 -8.48
C LEU A 286 -5.56 -5.65 -9.91
N ARG A 287 -4.65 -5.61 -10.88
CA ARG A 287 -5.06 -5.44 -12.28
C ARG A 287 -5.90 -6.65 -12.72
N GLU A 288 -5.49 -7.86 -12.32
CA GLU A 288 -6.23 -9.07 -12.69
C GLU A 288 -7.63 -9.16 -12.08
N LYS A 289 -7.76 -8.65 -10.87
CA LYS A 289 -9.03 -8.66 -10.18
C LYS A 289 -9.99 -7.69 -10.82
N PHE A 290 -9.53 -6.47 -11.07
CA PHE A 290 -10.44 -5.39 -11.43
C PHE A 290 -10.53 -5.13 -12.93
N GLY A 291 -9.65 -5.79 -13.71
CA GLY A 291 -9.41 -5.45 -15.11
C GLY A 291 -9.27 -3.94 -15.30
N GLU A 292 -8.73 -3.28 -14.28
CA GLU A 292 -8.61 -1.84 -14.17
C GLU A 292 -7.22 -1.58 -13.61
N ASP A 293 -6.43 -0.71 -14.25
CA ASP A 293 -5.07 -0.45 -13.77
C ASP A 293 -5.10 0.49 -12.59
N PRO A 294 -4.49 0.08 -11.46
CA PRO A 294 -4.33 1.04 -10.38
C PRO A 294 -3.44 2.19 -10.85
N VAL A 295 -3.63 3.39 -10.31
CA VAL A 295 -2.70 4.50 -10.54
C VAL A 295 -1.37 4.16 -9.87
N LEU A 296 -0.27 4.34 -10.61
CA LEU A 296 1.06 4.00 -10.08
C LEU A 296 1.69 5.24 -9.50
N LEU A 297 2.13 5.12 -8.25
CA LEU A 297 2.73 6.23 -7.52
C LEU A 297 4.17 5.76 -7.29
N LEU A 298 5.09 6.35 -8.04
CA LEU A 298 6.48 5.92 -7.98
C LEU A 298 7.29 6.94 -7.17
N ASP A 299 7.60 6.59 -5.92
CA ASP A 299 8.18 7.52 -4.95
C ASP A 299 9.71 7.47 -4.98
N ASP A 300 10.32 8.57 -5.43
CA ASP A 300 11.77 8.72 -5.43
C ASP A 300 12.49 7.66 -6.28
N PHE A 301 12.29 7.75 -7.59
CA PHE A 301 12.89 6.78 -8.50
C PHE A 301 14.41 6.95 -8.47
N THR A 302 14.85 8.16 -8.16
CA THR A 302 16.27 8.46 -8.15
C THR A 302 17.00 7.78 -6.98
N ALA A 303 16.24 7.30 -6.01
CA ALA A 303 16.83 6.53 -4.89
C ALA A 303 17.28 5.12 -5.28
N GLU A 304 16.79 4.64 -6.42
CA GLU A 304 17.25 3.40 -7.04
C GLU A 304 18.52 3.70 -7.82
N LEU A 305 19.65 3.20 -7.33
CA LEU A 305 20.95 3.54 -7.90
C LEU A 305 21.45 2.54 -8.94
N ASP A 306 20.75 1.42 -9.12
CA ASP A 306 21.07 0.53 -10.22
C ASP A 306 20.44 1.02 -11.51
N PRO A 307 21.26 1.33 -12.53
CA PRO A 307 20.67 1.76 -13.81
C PRO A 307 19.57 0.90 -14.41
N HIS A 308 19.76 -0.41 -14.51
CA HIS A 308 18.77 -1.26 -15.14
C HIS A 308 17.47 -1.27 -14.32
N ARG A 309 17.57 -1.35 -13.01
CA ARG A 309 16.37 -1.43 -12.18
C ARG A 309 15.66 -0.08 -12.19
N ARG A 310 16.43 1.02 -12.23
CA ARG A 310 15.83 2.34 -12.33
C ARG A 310 15.07 2.46 -13.66
N GLN A 311 15.70 1.98 -14.72
CA GLN A 311 15.03 2.05 -16.00
C GLN A 311 13.77 1.20 -16.03
N TYR A 312 13.75 0.07 -15.33
CA TYR A 312 12.57 -0.75 -15.28
C TYR A 312 11.43 0.05 -14.65
N LEU A 313 11.74 0.75 -13.57
CA LEU A 313 10.71 1.56 -12.87
C LEU A 313 10.15 2.63 -13.81
N LEU A 314 11.01 3.32 -14.54
CA LEU A 314 10.56 4.36 -15.47
C LEU A 314 9.76 3.78 -16.65
N ASP A 315 10.19 2.61 -17.14
CA ASP A 315 9.47 1.93 -18.22
C ASP A 315 8.08 1.48 -17.75
N LEU A 316 8.02 0.98 -16.52
CA LEU A 316 6.75 0.55 -15.94
C LEU A 316 5.83 1.77 -15.86
N ALA A 317 6.38 2.89 -15.36
CA ALA A 317 5.59 4.12 -15.25
C ALA A 317 5.04 4.54 -16.61
N ALA A 318 5.82 4.39 -17.67
CA ALA A 318 5.39 4.77 -19.02
C ALA A 318 4.41 3.76 -19.60
N SER A 319 4.47 2.53 -19.09
CA SER A 319 3.68 1.42 -19.62
C SER A 319 2.21 1.42 -19.18
N VAL A 320 1.94 1.95 -17.99
CA VAL A 320 0.59 1.97 -17.42
C VAL A 320 -0.17 3.18 -17.95
N PRO A 321 -1.51 3.20 -17.84
CA PRO A 321 -2.24 4.39 -18.30
C PRO A 321 -1.83 5.68 -17.60
N GLN A 322 -1.50 5.59 -16.31
CA GLN A 322 -1.11 6.80 -15.59
C GLN A 322 -0.15 6.50 -14.44
N ALA A 323 0.90 7.32 -14.35
CA ALA A 323 1.77 7.28 -13.17
C ALA A 323 2.16 8.68 -12.71
N ILE A 324 2.37 8.83 -11.41
CA ILE A 324 2.96 10.04 -10.81
C ILE A 324 4.27 9.58 -10.23
N VAL A 325 5.35 10.19 -10.71
CA VAL A 325 6.73 9.78 -10.49
C VAL A 325 7.47 10.93 -9.83
N THR A 326 8.07 10.72 -8.67
CA THR A 326 8.88 11.74 -8.04
C THR A 326 10.37 11.36 -7.98
N GLY A 327 11.21 12.38 -7.91
CA GLY A 327 12.66 12.15 -7.73
C GLY A 327 13.37 13.48 -7.61
N THR A 328 14.69 13.41 -7.48
CA THR A 328 15.49 14.63 -7.38
C THR A 328 15.82 15.18 -8.78
N GLU A 329 15.40 14.48 -9.82
CA GLU A 329 15.51 14.98 -11.18
C GLU A 329 14.30 14.51 -11.95
N LEU A 330 14.00 15.17 -13.08
CA LEU A 330 12.81 14.81 -13.86
C LEU A 330 12.90 13.45 -14.56
N ALA A 331 11.75 12.79 -14.66
CA ALA A 331 11.58 11.56 -15.41
C ALA A 331 11.48 11.99 -16.87
N PRO A 332 12.36 11.46 -17.73
CA PRO A 332 12.34 11.84 -19.14
C PRO A 332 11.06 11.43 -19.84
N GLY A 333 10.55 12.25 -20.77
CA GLY A 333 9.42 11.83 -21.58
C GLY A 333 8.05 11.96 -20.95
N ALA A 334 7.98 12.68 -19.84
CA ALA A 334 6.72 12.73 -19.09
C ALA A 334 5.70 13.59 -19.83
N ALA A 335 4.41 13.28 -19.69
CA ALA A 335 3.35 14.12 -20.21
C ALA A 335 3.28 15.49 -19.53
N LEU A 336 3.69 15.56 -18.27
CA LEU A 336 3.77 16.81 -17.53
C LEU A 336 4.91 16.76 -16.55
N THR A 337 5.64 17.87 -16.39
CA THR A 337 6.68 17.96 -15.39
C THR A 337 6.37 19.11 -14.45
N LEU A 338 6.51 18.82 -13.16
CA LEU A 338 6.36 19.79 -12.08
C LEU A 338 7.60 19.85 -11.20
N ARG A 339 7.86 21.04 -10.68
CA ARG A 339 8.88 21.26 -9.67
C ARG A 339 8.23 21.47 -8.31
N ALA A 340 8.76 20.77 -7.32
CA ALA A 340 8.33 20.83 -5.93
C ALA A 340 9.28 21.72 -5.14
N GLN A 341 8.71 22.73 -4.49
CA GLN A 341 9.45 23.59 -3.58
C GLN A 341 8.56 23.92 -2.40
N ALA A 342 9.00 23.57 -1.18
CA ALA A 342 8.27 23.98 0.01
C ALA A 342 6.79 23.56 -0.10
N GLY A 343 6.60 22.35 -0.61
CA GLY A 343 5.26 21.76 -0.72
C GLY A 343 4.33 22.35 -1.75
N ARG A 344 4.88 23.18 -2.63
CA ARG A 344 4.14 23.79 -3.73
C ARG A 344 4.64 23.19 -5.03
N PHE A 345 3.71 22.86 -5.93
CA PHE A 345 4.05 22.22 -7.19
C PHE A 345 3.73 23.14 -8.37
N THR A 346 4.76 23.44 -9.17
CA THR A 346 4.62 24.36 -10.27
C THR A 346 5.15 23.78 -11.58
N PRO A 347 4.44 23.97 -12.69
CA PRO A 347 4.93 23.37 -13.91
C PRO A 347 6.26 23.96 -14.34
N VAL A 348 7.04 23.15 -15.03
CA VAL A 348 8.24 23.63 -15.69
C VAL A 348 8.14 23.28 -17.18
N ALA A 349 8.90 24.00 -17.98
CA ALA A 349 8.91 23.71 -19.41
C ALA A 349 9.60 22.38 -19.61
N ASP A 350 9.11 21.56 -20.53
CA ASP A 350 9.91 20.46 -21.08
C ASP A 350 9.77 20.60 -22.60
N GLU A 351 10.77 21.20 -23.24
CA GLU A 351 10.66 21.51 -24.67
C GLU A 351 10.58 20.23 -25.49
N GLU A 352 11.09 19.12 -24.97
CA GLU A 352 10.99 17.86 -25.73
C GLU A 352 9.57 17.36 -25.81
N MET A 353 8.77 17.65 -24.78
CA MET A 353 7.39 17.22 -24.72
C MET A 353 6.37 18.31 -25.06
N GLN A 354 6.84 19.51 -25.39
CA GLN A 354 5.98 20.62 -25.75
C GLN A 354 6.26 21.21 -27.14
N ALA A 355 6.78 20.36 -28.03
CA ALA A 355 7.18 20.79 -29.36
C ALA A 355 6.05 20.77 -30.38
N GLU A 356 4.93 20.11 -30.04
CA GLU A 356 3.76 20.12 -30.90
C GLU A 356 3.26 21.57 -31.12
N GLY A 357 2.94 21.90 -32.36
CA GLY A 357 2.31 23.20 -32.69
C GLY A 357 3.22 24.38 -32.43
N THR A 358 4.52 24.18 -32.61
CA THR A 358 5.51 25.23 -32.35
C THR A 358 5.91 25.99 -33.61
N ALA A 359 5.46 25.51 -34.78
CA ALA A 359 5.78 26.13 -36.06
C ALA A 359 4.60 26.99 -36.51
S SO4 B . 10.34 15.06 -0.23
O1 SO4 B . 9.70 15.64 0.94
O2 SO4 B . 10.32 15.93 -1.42
O3 SO4 B . 11.74 14.65 0.02
O4 SO4 B . 9.71 13.79 -0.57
#